data_2PVF
#
_entry.id   2PVF
#
_cell.length_a   56.353
_cell.length_b   78.436
_cell.length_c   84.839
_cell.angle_alpha   90.00
_cell.angle_beta   90.00
_cell.angle_gamma   90.00
#
_symmetry.space_group_name_H-M   'P 21 21 21'
#
loop_
_entity.id
_entity.type
_entity.pdbx_description
1 polymer 'Fibroblast growth factor receptor 2'
2 polymer 'Fibroblast growth factor receptor 2'
3 non-polymer 'MAGNESIUM ION'
4 non-polymer 'PHOSPHOMETHYLPHOSPHONIC ACID ADENYLATE ESTER'
5 water water
#
loop_
_entity_poly.entity_id
_entity_poly.type
_entity_poly.pdbx_seq_one_letter_code
_entity_poly.pdbx_strand_id
1 'polypeptide(L)'
;MGSSHHHHHHSQDPMLAGVSEYELPEDPKWEFPRDKLTLGKPLGEGAFGQVVMAEAVGIDKDKPKEAVTVAVKMLKDDAT
EKDLSDLVSEMEMMKMIGKHKNIINLLGACTQDGPLYVIVEYASKGNLREYLRARRPPGME(PTR)SYDINRVPEEQMTF
KDLVSCTYQLARGMEYLASQKCIHRDLAARNVLVTENNVMKIADFGLARDINNID(PTR)(PTR)KKTTNGRLPVKWMAP
EALFDRVYTHQSDVWSFGVLMWEIFTLGGSPYPGIPVEELFKLLKEGHRMDKPANCTNELYMMMRDCWHAVPSQRPTFKQ
LVEDLDRILTLTTNEEYLDLSQPLEQ
;
A
2 'polypeptide(L)' TTNEEYLDLSQPLEQ B
#
# COMPACT_ATOMS: atom_id res chain seq x y z
N GLU A 23 29.63 3.05 5.04
CA GLU A 23 28.75 1.89 5.39
C GLU A 23 27.86 1.50 4.21
N LEU A 24 26.89 2.35 3.90
CA LEU A 24 25.96 2.09 2.81
C LEU A 24 26.62 2.26 1.44
N PRO A 25 26.53 1.22 0.59
CA PRO A 25 27.11 1.25 -0.75
C PRO A 25 26.43 2.30 -1.62
N GLU A 26 27.18 3.31 -2.02
CA GLU A 26 26.64 4.39 -2.84
C GLU A 26 26.05 3.89 -4.16
N ASP A 27 25.05 4.63 -4.65
CA ASP A 27 24.39 4.31 -5.90
C ASP A 27 24.23 5.62 -6.66
N PRO A 28 25.29 6.04 -7.37
CA PRO A 28 25.33 7.28 -8.16
C PRO A 28 24.06 7.63 -8.93
N LYS A 29 23.55 6.68 -9.71
CA LYS A 29 22.36 6.91 -10.51
C LYS A 29 21.13 7.36 -9.70
N TRP A 30 21.11 7.02 -8.42
CA TRP A 30 19.98 7.41 -7.56
C TRP A 30 20.33 8.46 -6.51
N GLU A 31 21.61 8.63 -6.23
CA GLU A 31 22.04 9.59 -5.22
C GLU A 31 21.61 11.02 -5.54
N PHE A 32 21.27 11.76 -4.49
CA PHE A 32 20.84 13.16 -4.63
C PHE A 32 21.55 14.02 -3.59
N PRO A 33 22.05 15.19 -4.00
CA PRO A 33 22.76 16.12 -3.10
C PRO A 33 21.91 16.67 -1.96
N ARG A 34 22.39 16.48 -0.74
CA ARG A 34 21.69 16.96 0.46
C ARG A 34 21.56 18.47 0.45
N ASP A 35 22.56 19.15 -0.09
CA ASP A 35 22.57 20.61 -0.15
C ASP A 35 21.41 21.16 -0.98
N LYS A 36 20.80 20.31 -1.81
CA LYS A 36 19.68 20.73 -2.64
C LYS A 36 18.34 20.28 -2.08
N LEU A 37 18.34 19.84 -0.81
CA LEU A 37 17.11 19.37 -0.18
C LEU A 37 16.83 20.10 1.13
N THR A 38 15.63 20.65 1.26
CA THR A 38 15.24 21.37 2.47
C THR A 38 14.04 20.69 3.12
N LEU A 39 14.27 20.00 4.23
CA LEU A 39 13.21 19.30 4.94
C LEU A 39 12.16 20.27 5.50
N GLY A 40 10.91 19.81 5.54
CA GLY A 40 9.83 20.64 6.03
C GLY A 40 8.96 19.99 7.08
N LYS A 41 7.66 20.29 7.04
CA LYS A 41 6.71 19.75 8.00
C LYS A 41 6.50 18.24 7.84
N PRO A 42 6.24 17.54 8.95
CA PRO A 42 6.02 16.09 8.93
C PRO A 42 4.72 15.73 8.25
N LEU A 43 4.73 14.61 7.53
CA LEU A 43 3.53 14.14 6.82
C LEU A 43 2.98 12.92 7.55
N GLY A 44 3.87 12.18 8.20
CA GLY A 44 3.46 11.00 8.94
C GLY A 44 4.58 10.47 9.80
N GLU A 45 4.22 9.88 10.94
CA GLU A 45 5.21 9.32 11.85
C GLU A 45 4.83 7.88 12.20
N GLY A 46 5.82 7.08 12.55
CA GLY A 46 5.55 5.70 12.90
C GLY A 46 6.41 5.17 14.03
N ALA A 47 6.28 3.88 14.32
CA ALA A 47 7.06 3.25 15.37
C ALA A 47 8.39 2.73 14.84
N PHE A 48 8.73 3.13 13.61
CA PHE A 48 9.97 2.69 13.00
C PHE A 48 10.39 3.59 11.83
N GLY A 49 9.74 4.74 11.71
CA GLY A 49 10.08 5.65 10.63
C GLY A 49 9.66 7.10 10.84
N GLN A 50 9.54 7.83 9.73
CA GLN A 50 9.15 9.23 9.76
C GLN A 50 9.18 9.80 8.35
N VAL A 51 8.06 10.41 7.93
CA VAL A 51 7.97 11.00 6.60
C VAL A 51 7.68 12.49 6.73
N VAL A 52 8.47 13.31 6.04
CA VAL A 52 8.30 14.75 6.08
C VAL A 52 8.30 15.35 4.69
N MET A 53 7.66 16.51 4.55
CA MET A 53 7.60 17.20 3.27
C MET A 53 8.95 17.88 3.07
N ALA A 54 9.32 18.15 1.82
CA ALA A 54 10.60 18.81 1.54
C ALA A 54 10.66 19.42 0.15
N GLU A 55 11.70 20.22 -0.07
CA GLU A 55 11.90 20.89 -1.35
C GLU A 55 13.20 20.39 -1.98
N ALA A 56 13.09 19.75 -3.13
CA ALA A 56 14.25 19.22 -3.83
C ALA A 56 14.59 20.08 -5.04
N VAL A 57 15.76 20.70 -5.00
CA VAL A 57 16.20 21.56 -6.09
C VAL A 57 16.88 20.78 -7.21
N GLY A 58 16.28 20.80 -8.39
CA GLY A 58 16.84 20.09 -9.52
C GLY A 58 16.62 18.60 -9.53
N ILE A 59 15.70 18.13 -8.68
CA ILE A 59 15.41 16.69 -8.62
C ILE A 59 14.89 16.25 -9.98
N ASP A 60 14.46 17.21 -10.78
CA ASP A 60 13.96 16.93 -12.12
C ASP A 60 15.13 17.08 -13.09
N LYS A 61 15.55 15.96 -13.68
CA LYS A 61 16.68 15.96 -14.62
C LYS A 61 16.52 16.94 -15.78
N ASP A 62 15.31 17.47 -15.94
CA ASP A 62 15.05 18.41 -17.03
C ASP A 62 14.56 19.75 -16.48
N LYS A 63 15.11 20.15 -15.34
CA LYS A 63 14.74 21.41 -14.70
C LYS A 63 15.56 21.63 -13.43
N PRO A 64 16.89 21.73 -13.57
CA PRO A 64 17.80 21.94 -12.44
C PRO A 64 17.34 23.04 -11.50
N VAL A 68 10.95 21.69 -6.27
CA VAL A 68 10.08 20.53 -6.41
C VAL A 68 9.68 19.97 -5.05
N THR A 69 8.39 20.04 -4.73
CA THR A 69 7.90 19.53 -3.45
C THR A 69 7.89 18.01 -3.48
N VAL A 70 8.57 17.40 -2.52
CA VAL A 70 8.63 15.95 -2.41
C VAL A 70 8.41 15.51 -0.98
N ALA A 71 8.45 14.19 -0.76
CA ALA A 71 8.29 13.63 0.57
C ALA A 71 9.58 12.87 0.85
N VAL A 72 10.04 12.92 2.09
CA VAL A 72 11.27 12.22 2.43
C VAL A 72 11.02 11.26 3.59
N LYS A 73 11.32 9.99 3.37
CA LYS A 73 11.15 8.98 4.41
C LYS A 73 12.50 8.78 5.07
N MET A 74 12.51 8.71 6.39
CA MET A 74 13.77 8.54 7.13
C MET A 74 13.52 7.77 8.43
N LEU A 75 14.60 7.44 9.11
CA LEU A 75 14.52 6.71 10.37
C LEU A 75 14.32 7.66 11.56
N LYS A 76 13.83 7.11 12.66
CA LYS A 76 13.62 7.88 13.87
C LYS A 76 15.01 8.23 14.39
N ASP A 77 15.09 9.18 15.31
CA ASP A 77 16.37 9.61 15.87
C ASP A 77 17.12 8.47 16.55
N ASP A 78 16.37 7.57 17.20
CA ASP A 78 16.98 6.44 17.90
C ASP A 78 16.60 5.12 17.23
N ALA A 79 17.02 4.95 15.99
CA ALA A 79 16.72 3.74 15.24
C ALA A 79 17.85 2.73 15.44
N THR A 80 17.55 1.45 15.24
CA THR A 80 18.55 0.41 15.40
C THR A 80 19.10 -0.02 14.04
N GLU A 81 20.07 -0.94 14.07
CA GLU A 81 20.68 -1.44 12.86
C GLU A 81 19.65 -2.10 11.96
N LYS A 82 18.72 -2.83 12.58
CA LYS A 82 17.68 -3.51 11.81
C LYS A 82 16.73 -2.51 11.16
N ASP A 83 16.39 -1.44 11.88
CA ASP A 83 15.50 -0.44 11.32
C ASP A 83 16.14 0.14 10.07
N LEU A 84 17.47 0.29 10.10
CA LEU A 84 18.20 0.81 8.95
C LEU A 84 18.16 -0.18 7.80
N SER A 85 18.50 -1.43 8.09
CA SER A 85 18.50 -2.47 7.06
C SER A 85 17.12 -2.55 6.43
N ASP A 86 16.08 -2.42 7.25
CA ASP A 86 14.72 -2.48 6.74
C ASP A 86 14.41 -1.36 5.78
N LEU A 87 14.79 -0.13 6.12
CA LEU A 87 14.50 1.00 5.23
C LEU A 87 15.32 0.89 3.95
N VAL A 88 16.54 0.39 4.06
CA VAL A 88 17.40 0.22 2.90
C VAL A 88 16.76 -0.80 1.97
N SER A 89 16.26 -1.90 2.54
CA SER A 89 15.62 -2.93 1.74
C SER A 89 14.38 -2.36 1.06
N GLU A 90 13.65 -1.51 1.79
CA GLU A 90 12.44 -0.88 1.25
C GLU A 90 12.78 -0.02 0.04
N MET A 91 13.87 0.73 0.14
CA MET A 91 14.32 1.59 -0.95
C MET A 91 14.69 0.74 -2.16
N GLU A 92 15.47 -0.32 -1.92
CA GLU A 92 15.89 -1.20 -2.99
C GLU A 92 14.72 -1.81 -3.75
N MET A 93 13.65 -2.17 -3.05
CA MET A 93 12.48 -2.75 -3.70
C MET A 93 11.87 -1.73 -4.65
N MET A 94 11.83 -0.47 -4.22
CA MET A 94 11.29 0.59 -5.04
C MET A 94 12.12 0.82 -6.30
N LYS A 95 13.45 0.74 -6.17
CA LYS A 95 14.34 0.93 -7.30
C LYS A 95 14.10 -0.13 -8.39
N MET A 96 13.89 -1.36 -7.93
CA MET A 96 13.69 -2.50 -8.81
C MET A 96 12.33 -2.62 -9.49
N ILE A 97 11.28 -2.26 -8.77
CA ILE A 97 9.91 -2.36 -9.29
C ILE A 97 9.62 -1.56 -10.56
N GLY A 98 10.22 -0.38 -10.69
CA GLY A 98 9.99 0.41 -11.88
C GLY A 98 8.87 1.42 -11.72
N LYS A 99 8.73 2.29 -12.71
CA LYS A 99 7.71 3.31 -12.67
C LYS A 99 6.35 2.86 -13.18
N HIS A 100 5.31 3.33 -12.51
CA HIS A 100 3.94 3.06 -12.91
C HIS A 100 3.04 4.16 -12.36
N LYS A 101 2.04 4.53 -13.14
CA LYS A 101 1.10 5.59 -12.79
C LYS A 101 0.46 5.40 -11.42
N ASN A 102 0.28 4.15 -11.00
CA ASN A 102 -0.36 3.88 -9.72
C ASN A 102 0.55 3.32 -8.63
N ILE A 103 1.81 3.71 -8.68
CA ILE A 103 2.79 3.30 -7.67
C ILE A 103 3.53 4.59 -7.31
N ILE A 104 3.72 4.87 -6.03
CA ILE A 104 4.38 6.10 -5.64
C ILE A 104 5.79 6.12 -6.24
N ASN A 105 6.16 7.23 -6.84
CA ASN A 105 7.44 7.38 -7.50
C ASN A 105 8.64 7.67 -6.60
N LEU A 106 9.69 6.87 -6.74
CA LEU A 106 10.93 7.06 -5.99
C LEU A 106 11.69 8.08 -6.83
N LEU A 107 12.10 9.19 -6.21
CA LEU A 107 12.81 10.25 -6.93
C LEU A 107 14.32 10.25 -6.72
N GLY A 108 14.76 9.75 -5.58
CA GLY A 108 16.18 9.71 -5.30
C GLY A 108 16.44 9.39 -3.85
N ALA A 109 17.70 9.52 -3.42
CA ALA A 109 18.03 9.22 -2.03
C ALA A 109 19.37 9.80 -1.60
N CYS A 110 19.48 10.11 -0.32
CA CYS A 110 20.70 10.64 0.27
C CYS A 110 21.18 9.51 1.18
N THR A 111 22.22 8.81 0.75
CA THR A 111 22.73 7.67 1.50
C THR A 111 24.17 7.84 1.97
N GLN A 112 24.80 8.94 1.59
CA GLN A 112 26.19 9.15 1.96
C GLN A 112 26.43 10.27 2.95
N ASP A 113 27.38 10.04 3.85
CA ASP A 113 27.78 10.99 4.88
C ASP A 113 26.59 11.74 5.49
N GLY A 114 25.72 11.00 6.16
CA GLY A 114 24.56 11.61 6.79
C GLY A 114 23.43 10.62 6.93
N PRO A 115 22.31 11.00 7.56
CA PRO A 115 21.18 10.08 7.71
C PRO A 115 20.59 9.66 6.37
N LEU A 116 20.02 8.47 6.33
CA LEU A 116 19.43 7.96 5.10
C LEU A 116 18.10 8.64 4.82
N TYR A 117 17.99 9.22 3.62
CA TYR A 117 16.76 9.88 3.21
C TYR A 117 16.29 9.23 1.92
N VAL A 118 15.04 8.76 1.92
CA VAL A 118 14.46 8.15 0.73
C VAL A 118 13.48 9.18 0.20
N ILE A 119 13.80 9.75 -0.96
CA ILE A 119 12.98 10.78 -1.56
C ILE A 119 11.95 10.18 -2.51
N VAL A 120 10.68 10.48 -2.25
CA VAL A 120 9.60 9.97 -3.07
C VAL A 120 8.62 11.06 -3.48
N GLU A 121 7.85 10.76 -4.51
CA GLU A 121 6.86 11.69 -5.02
C GLU A 121 5.89 12.09 -3.90
N TYR A 122 5.51 13.36 -3.87
CA TYR A 122 4.62 13.88 -2.86
C TYR A 122 3.13 13.77 -3.25
N ALA A 123 2.32 13.21 -2.35
CA ALA A 123 0.89 13.05 -2.58
C ALA A 123 0.15 14.04 -1.67
N SER A 124 -0.35 15.12 -2.26
CA SER A 124 -1.02 16.18 -1.52
C SER A 124 -2.30 15.84 -0.76
N LYS A 125 -2.95 14.73 -1.09
CA LYS A 125 -4.19 14.38 -0.41
C LYS A 125 -4.09 13.30 0.65
N GLY A 126 -2.85 12.97 1.05
CA GLY A 126 -2.64 11.97 2.08
C GLY A 126 -2.99 10.55 1.72
N ASN A 127 -3.06 9.70 2.74
CA ASN A 127 -3.38 8.29 2.51
C ASN A 127 -4.87 8.07 2.28
N LEU A 128 -5.18 6.97 1.59
CA LEU A 128 -6.55 6.63 1.24
C LEU A 128 -7.54 6.53 2.40
N ARG A 129 -7.11 5.96 3.51
CA ARG A 129 -7.98 5.81 4.68
C ARG A 129 -8.57 7.16 5.09
N GLU A 130 -7.70 8.11 5.43
CA GLU A 130 -8.14 9.43 5.84
C GLU A 130 -8.87 10.16 4.72
N TYR A 131 -8.43 9.93 3.48
CA TYR A 131 -9.04 10.56 2.31
C TYR A 131 -10.54 10.21 2.23
N LEU A 132 -10.84 8.93 2.36
CA LEU A 132 -12.23 8.46 2.29
C LEU A 132 -13.04 8.87 3.52
N ARG A 133 -12.51 8.59 4.71
CA ARG A 133 -13.19 8.93 5.95
C ARG A 133 -13.61 10.39 6.04
N ALA A 134 -12.79 11.27 5.46
CA ALA A 134 -13.08 12.70 5.49
C ALA A 134 -14.07 13.09 4.40
N ARG A 135 -14.42 12.13 3.55
CA ARG A 135 -15.35 12.40 2.46
C ARG A 135 -16.63 11.57 2.53
N ARG A 136 -16.99 11.15 3.74
CA ARG A 136 -18.20 10.37 3.94
C ARG A 136 -19.39 11.33 3.99
N PRO A 137 -20.62 10.81 3.83
CA PRO A 137 -21.81 11.67 3.87
C PRO A 137 -22.08 12.20 5.27
N PRO A 138 -22.73 13.37 5.37
CA PRO A 138 -23.03 13.96 6.68
C PRO A 138 -23.77 12.99 7.59
N GLY A 139 -23.28 12.83 8.82
CA GLY A 139 -23.92 11.91 9.74
C GLY A 139 -23.30 10.54 9.73
N MET A 140 -22.33 10.32 8.84
CA MET A 140 -21.64 9.04 8.74
C MET A 140 -20.19 9.19 9.20
N GLU A 141 -19.89 10.33 9.81
CA GLU A 141 -18.54 10.63 10.28
C GLU A 141 -17.95 9.49 11.12
N SER A 143 -15.98 9.74 13.44
CA SER A 143 -15.92 10.16 14.84
C SER A 143 -16.28 11.64 15.00
N TYR A 144 -15.90 12.20 16.13
CA TYR A 144 -16.17 13.60 16.42
C TYR A 144 -15.08 14.51 15.87
N GLN A 153 -17.58 14.32 -1.42
CA GLN A 153 -18.26 13.04 -1.30
C GLN A 153 -17.86 12.09 -2.43
N MET A 154 -17.62 10.83 -2.07
CA MET A 154 -17.23 9.81 -3.03
C MET A 154 -18.42 9.15 -3.71
N THR A 155 -18.57 9.37 -5.01
CA THR A 155 -19.66 8.77 -5.76
C THR A 155 -19.33 7.30 -5.98
N PHE A 156 -20.33 6.51 -6.34
CA PHE A 156 -20.13 5.08 -6.59
C PHE A 156 -19.02 4.89 -7.62
N LYS A 157 -19.12 5.61 -8.72
CA LYS A 157 -18.13 5.53 -9.79
C LYS A 157 -16.72 5.86 -9.31
N ASP A 158 -16.61 6.82 -8.39
CA ASP A 158 -15.30 7.19 -7.85
C ASP A 158 -14.70 5.98 -7.14
N LEU A 159 -15.55 5.25 -6.41
CA LEU A 159 -15.10 4.08 -5.68
C LEU A 159 -14.59 3.00 -6.62
N VAL A 160 -15.30 2.78 -7.71
CA VAL A 160 -14.89 1.77 -8.69
C VAL A 160 -13.59 2.20 -9.36
N SER A 161 -13.49 3.48 -9.71
CA SER A 161 -12.30 4.01 -10.35
C SER A 161 -11.08 3.83 -9.44
N CYS A 162 -11.25 4.19 -8.18
CA CYS A 162 -10.19 4.04 -7.18
C CYS A 162 -9.71 2.59 -7.17
N THR A 163 -10.66 1.67 -7.08
CA THR A 163 -10.36 0.24 -7.06
C THR A 163 -9.62 -0.18 -8.34
N TYR A 164 -10.12 0.28 -9.48
CA TYR A 164 -9.51 -0.04 -10.77
C TYR A 164 -8.06 0.43 -10.85
N GLN A 165 -7.79 1.65 -10.40
CA GLN A 165 -6.42 2.19 -10.43
C GLN A 165 -5.46 1.35 -9.61
N LEU A 166 -5.92 0.93 -8.44
CA LEU A 166 -5.09 0.12 -7.54
C LEU A 166 -4.89 -1.27 -8.11
N ALA A 167 -5.90 -1.79 -8.80
CA ALA A 167 -5.78 -3.10 -9.42
C ALA A 167 -4.70 -3.03 -10.51
N ARG A 168 -4.67 -1.92 -11.26
CA ARG A 168 -3.68 -1.74 -12.32
C ARG A 168 -2.29 -1.67 -11.71
N GLY A 169 -2.17 -0.97 -10.59
CA GLY A 169 -0.90 -0.85 -9.90
C GLY A 169 -0.39 -2.22 -9.46
N MET A 170 -1.28 -3.05 -8.93
CA MET A 170 -0.87 -4.37 -8.47
C MET A 170 -0.60 -5.32 -9.63
N GLU A 171 -1.34 -5.16 -10.73
CA GLU A 171 -1.12 -6.01 -11.90
C GLU A 171 0.30 -5.77 -12.38
N TYR A 172 0.72 -4.51 -12.33
CA TYR A 172 2.07 -4.16 -12.74
C TYR A 172 3.09 -4.78 -11.79
N LEU A 173 2.87 -4.59 -10.50
CA LEU A 173 3.78 -5.13 -9.49
C LEU A 173 3.90 -6.65 -9.62
N ALA A 174 2.76 -7.32 -9.75
CA ALA A 174 2.77 -8.76 -9.88
C ALA A 174 3.49 -9.22 -11.15
N SER A 175 3.44 -8.42 -12.21
CA SER A 175 4.11 -8.80 -13.44
C SER A 175 5.63 -8.73 -13.30
N GLN A 176 6.08 -8.05 -12.25
CA GLN A 176 7.51 -7.92 -11.97
C GLN A 176 7.89 -9.05 -11.01
N LYS A 177 6.91 -9.91 -10.74
CA LYS A 177 7.05 -11.05 -9.82
C LYS A 177 7.49 -10.63 -8.42
N CYS A 178 6.90 -9.54 -7.97
CA CYS A 178 7.14 -9.02 -6.63
C CYS A 178 5.81 -9.00 -5.88
N ILE A 179 5.85 -9.19 -4.56
CA ILE A 179 4.65 -9.13 -3.74
C ILE A 179 4.79 -7.92 -2.81
N HIS A 180 3.67 -7.27 -2.52
CA HIS A 180 3.66 -6.08 -1.66
C HIS A 180 3.60 -6.46 -0.18
N ARG A 181 2.69 -7.36 0.18
CA ARG A 181 2.54 -7.84 1.55
C ARG A 181 1.97 -6.85 2.57
N ASP A 182 1.66 -5.63 2.16
CA ASP A 182 1.09 -4.69 3.11
C ASP A 182 0.07 -3.78 2.44
N LEU A 183 -0.74 -4.37 1.56
CA LEU A 183 -1.76 -3.61 0.86
C LEU A 183 -2.85 -3.25 1.87
N ALA A 184 -3.16 -1.96 1.96
CA ALA A 184 -4.17 -1.47 2.89
C ALA A 184 -4.39 0.01 2.58
N ALA A 185 -5.54 0.54 2.96
CA ALA A 185 -5.85 1.95 2.69
C ALA A 185 -4.80 2.90 3.25
N ARG A 186 -4.23 2.55 4.41
CA ARG A 186 -3.21 3.38 5.05
C ARG A 186 -1.92 3.42 4.22
N ASN A 187 -1.80 2.46 3.28
CA ASN A 187 -0.63 2.36 2.42
C ASN A 187 -0.88 2.74 0.97
N VAL A 188 -1.93 3.52 0.76
CA VAL A 188 -2.26 4.02 -0.58
C VAL A 188 -2.25 5.54 -0.40
N LEU A 189 -1.61 6.25 -1.32
CA LEU A 189 -1.56 7.71 -1.25
C LEU A 189 -2.40 8.29 -2.38
N VAL A 190 -2.91 9.50 -2.17
CA VAL A 190 -3.72 10.16 -3.19
C VAL A 190 -3.08 11.49 -3.58
N THR A 191 -2.86 11.69 -4.88
CA THR A 191 -2.25 12.92 -5.35
C THR A 191 -3.28 14.03 -5.52
N GLU A 192 -2.80 15.22 -5.89
CA GLU A 192 -3.66 16.38 -6.09
C GLU A 192 -4.70 16.14 -7.18
N ASN A 193 -4.37 15.25 -8.12
CA ASN A 193 -5.28 14.92 -9.22
C ASN A 193 -6.07 13.65 -8.90
N ASN A 194 -6.10 13.29 -7.62
CA ASN A 194 -6.83 12.12 -7.15
C ASN A 194 -6.33 10.79 -7.73
N VAL A 195 -5.06 10.75 -8.11
CA VAL A 195 -4.49 9.52 -8.66
C VAL A 195 -4.08 8.61 -7.50
N MET A 196 -4.50 7.35 -7.56
CA MET A 196 -4.18 6.40 -6.50
C MET A 196 -2.76 5.88 -6.68
N LYS A 197 -1.97 5.94 -5.61
CA LYS A 197 -0.58 5.49 -5.65
C LYS A 197 -0.29 4.47 -4.56
N ILE A 198 0.15 3.28 -4.96
CA ILE A 198 0.47 2.24 -3.98
C ILE A 198 1.78 2.65 -3.31
N ALA A 199 1.85 2.51 -1.99
CA ALA A 199 3.03 2.92 -1.24
C ALA A 199 3.44 1.95 -0.13
N ASP A 200 4.46 2.36 0.63
CA ASP A 200 5.00 1.60 1.73
C ASP A 200 5.43 0.18 1.36
N PHE A 201 6.61 0.07 0.77
CA PHE A 201 7.14 -1.22 0.37
C PHE A 201 7.97 -1.90 1.44
N GLY A 202 7.70 -1.54 2.70
CA GLY A 202 8.43 -2.12 3.82
C GLY A 202 8.43 -3.63 3.92
N LEU A 203 7.32 -4.27 3.55
CA LEU A 203 7.25 -5.72 3.61
C LEU A 203 7.35 -6.37 2.24
N ALA A 204 7.47 -5.55 1.19
CA ALA A 204 7.56 -6.04 -0.18
C ALA A 204 8.72 -7.01 -0.37
N ARG A 205 8.48 -8.05 -1.17
CA ARG A 205 9.50 -9.06 -1.44
C ARG A 205 9.58 -9.43 -2.91
N ASP A 206 10.78 -9.78 -3.33
CA ASP A 206 11.05 -10.19 -4.71
C ASP A 206 10.89 -11.73 -4.74
N ILE A 207 9.89 -12.26 -5.44
CA ILE A 207 9.73 -13.70 -5.49
C ILE A 207 9.97 -14.25 -6.90
N ASN A 208 10.93 -13.65 -7.60
CA ASN A 208 11.24 -14.10 -8.94
C ASN A 208 11.82 -15.50 -9.00
N ASN A 209 12.49 -15.93 -7.93
CA ASN A 209 13.13 -17.24 -7.94
C ASN A 209 12.40 -18.37 -7.25
N ILE A 210 11.39 -18.03 -6.45
CA ILE A 210 10.67 -19.06 -5.70
C ILE A 210 9.17 -19.07 -5.95
N ASP A 211 8.65 -17.95 -6.44
CA ASP A 211 7.24 -17.82 -6.73
C ASP A 211 6.40 -17.87 -5.45
N LYS A 214 8.34 -17.45 2.01
CA LYS A 214 8.01 -18.14 3.25
C LYS A 214 8.74 -17.47 4.40
N LYS A 215 7.97 -16.88 5.31
CA LYS A 215 8.56 -16.23 6.46
C LYS A 215 8.89 -17.35 7.44
N THR A 216 10.18 -17.51 7.75
CA THR A 216 10.63 -18.57 8.65
C THR A 216 10.34 -18.37 10.13
N THR A 217 10.16 -17.12 10.54
CA THR A 217 9.90 -16.82 11.94
C THR A 217 8.60 -16.05 12.17
N ASN A 218 8.35 -15.75 13.44
CA ASN A 218 7.16 -15.00 13.84
C ASN A 218 7.53 -13.52 13.78
N GLY A 219 6.53 -12.67 13.89
CA GLY A 219 6.76 -11.25 13.85
C GLY A 219 5.43 -10.51 13.87
N ARG A 220 5.47 -9.19 13.97
CA ARG A 220 4.25 -8.38 13.99
C ARG A 220 3.87 -8.08 12.55
N LEU A 221 2.71 -8.60 12.14
CA LEU A 221 2.22 -8.44 10.78
C LEU A 221 0.81 -7.87 10.72
N PRO A 222 0.42 -7.32 9.55
CA PRO A 222 -0.91 -6.72 9.34
C PRO A 222 -1.96 -7.82 9.22
N VAL A 223 -2.20 -8.52 10.32
CA VAL A 223 -3.13 -9.64 10.37
C VAL A 223 -4.52 -9.50 9.75
N LYS A 224 -5.20 -8.37 9.95
CA LYS A 224 -6.55 -8.21 9.39
C LYS A 224 -6.59 -8.07 7.87
N TRP A 225 -5.42 -7.91 7.26
CA TRP A 225 -5.33 -7.78 5.80
C TRP A 225 -4.69 -9.02 5.20
N MET A 226 -4.35 -9.97 6.06
CA MET A 226 -3.68 -11.19 5.62
C MET A 226 -4.51 -12.41 5.29
N ALA A 227 -4.11 -13.11 4.23
CA ALA A 227 -4.76 -14.33 3.80
C ALA A 227 -4.46 -15.43 4.82
N PRO A 228 -5.39 -16.40 4.98
CA PRO A 228 -5.22 -17.51 5.91
C PRO A 228 -3.89 -18.24 5.77
N GLU A 229 -3.51 -18.58 4.55
CA GLU A 229 -2.26 -19.30 4.35
C GLU A 229 -1.04 -18.47 4.77
N ALA A 230 -1.19 -17.15 4.77
CA ALA A 230 -0.09 -16.27 5.17
C ALA A 230 -0.04 -16.24 6.70
N LEU A 231 -1.20 -16.06 7.32
CA LEU A 231 -1.33 -16.01 8.77
C LEU A 231 -0.91 -17.31 9.46
N PHE A 232 -1.36 -18.43 8.93
CA PHE A 232 -1.08 -19.72 9.53
C PHE A 232 0.05 -20.55 8.93
N ASP A 233 0.29 -20.39 7.62
CA ASP A 233 1.34 -21.16 6.95
C ASP A 233 2.58 -20.32 6.64
N ARG A 234 2.50 -19.01 6.87
CA ARG A 234 3.60 -18.09 6.62
C ARG A 234 4.01 -18.10 5.14
N VAL A 235 3.04 -18.42 4.28
CA VAL A 235 3.27 -18.48 2.83
C VAL A 235 2.64 -17.26 2.15
N TYR A 236 3.45 -16.49 1.42
CA TYR A 236 2.97 -15.30 0.72
C TYR A 236 3.19 -15.44 -0.78
N THR A 237 2.19 -15.05 -1.55
CA THR A 237 2.23 -15.15 -3.02
C THR A 237 1.44 -14.01 -3.61
N HIS A 238 1.35 -13.97 -4.93
CA HIS A 238 0.56 -12.91 -5.56
C HIS A 238 -0.89 -13.11 -5.12
N GLN A 239 -1.27 -14.36 -4.88
CA GLN A 239 -2.64 -14.64 -4.47
C GLN A 239 -2.92 -14.23 -3.03
N SER A 240 -1.89 -14.14 -2.18
CA SER A 240 -2.15 -13.65 -0.83
C SER A 240 -2.28 -12.11 -0.94
N ASP A 241 -1.62 -11.52 -1.94
CA ASP A 241 -1.75 -10.07 -2.15
C ASP A 241 -3.19 -9.79 -2.63
N VAL A 242 -3.75 -10.70 -3.41
CA VAL A 242 -5.12 -10.54 -3.91
C VAL A 242 -6.10 -10.56 -2.72
N TRP A 243 -5.82 -11.39 -1.73
CA TRP A 243 -6.67 -11.42 -0.54
C TRP A 243 -6.64 -10.02 0.09
N SER A 244 -5.44 -9.47 0.24
CA SER A 244 -5.30 -8.14 0.84
C SER A 244 -6.05 -7.11 0.00
N PHE A 245 -6.00 -7.26 -1.32
CA PHE A 245 -6.69 -6.34 -2.22
C PHE A 245 -8.18 -6.37 -1.95
N GLY A 246 -8.70 -7.54 -1.61
CA GLY A 246 -10.11 -7.69 -1.30
C GLY A 246 -10.44 -6.89 -0.05
N VAL A 247 -9.54 -6.94 0.93
CA VAL A 247 -9.76 -6.19 2.17
C VAL A 247 -9.70 -4.70 1.86
N LEU A 248 -8.75 -4.30 1.01
CA LEU A 248 -8.61 -2.90 0.60
C LEU A 248 -9.91 -2.46 -0.10
N MET A 249 -10.46 -3.32 -0.93
CA MET A 249 -11.72 -3.03 -1.61
C MET A 249 -12.82 -2.74 -0.58
N TRP A 250 -12.85 -3.56 0.47
CA TRP A 250 -13.84 -3.41 1.52
C TRP A 250 -13.65 -2.04 2.18
N GLU A 251 -12.40 -1.67 2.45
CA GLU A 251 -12.11 -0.37 3.07
C GLU A 251 -12.58 0.76 2.16
N ILE A 252 -12.39 0.57 0.86
CA ILE A 252 -12.79 1.60 -0.10
C ILE A 252 -14.31 1.80 -0.09
N PHE A 253 -15.07 0.71 -0.24
CA PHE A 253 -16.52 0.81 -0.29
C PHE A 253 -17.21 1.13 1.04
N THR A 254 -16.49 1.02 2.15
CA THR A 254 -17.04 1.37 3.45
C THR A 254 -16.55 2.77 3.78
N LEU A 255 -15.86 3.38 2.82
CA LEU A 255 -15.31 4.73 2.96
C LEU A 255 -14.36 4.86 4.14
N GLY A 256 -13.42 3.93 4.26
CA GLY A 256 -12.45 3.99 5.35
C GLY A 256 -12.83 3.17 6.57
N GLY A 257 -13.71 2.19 6.39
CA GLY A 257 -14.10 1.37 7.52
C GLY A 257 -12.94 0.54 8.01
N SER A 258 -13.04 0.05 9.24
CA SER A 258 -12.00 -0.78 9.83
C SER A 258 -12.41 -2.25 9.70
N PRO A 259 -11.56 -3.06 9.06
CA PRO A 259 -11.82 -4.49 8.86
C PRO A 259 -12.25 -5.22 10.12
N TYR A 260 -13.18 -6.16 9.96
CA TYR A 260 -13.68 -6.95 11.08
C TYR A 260 -14.00 -6.03 12.27
N PRO A 261 -15.13 -5.31 12.18
CA PRO A 261 -15.64 -4.36 13.18
C PRO A 261 -15.23 -4.59 14.63
N GLY A 262 -16.07 -5.29 15.39
CA GLY A 262 -15.75 -5.57 16.77
C GLY A 262 -15.13 -6.94 16.96
N ILE A 263 -14.00 -7.17 16.30
CA ILE A 263 -13.31 -8.45 16.40
C ILE A 263 -11.85 -8.26 16.76
N PRO A 264 -11.47 -8.61 18.00
CA PRO A 264 -10.11 -8.50 18.55
C PRO A 264 -9.08 -9.44 17.91
N VAL A 265 -7.84 -9.28 18.33
CA VAL A 265 -6.72 -10.07 17.84
C VAL A 265 -7.04 -11.55 17.70
N GLU A 266 -6.96 -12.28 18.82
CA GLU A 266 -7.23 -13.72 18.84
C GLU A 266 -8.62 -14.06 18.32
N GLU A 267 -9.56 -13.14 18.46
CA GLU A 267 -10.91 -13.37 17.99
C GLU A 267 -10.98 -13.52 16.48
N LEU A 268 -10.15 -12.77 15.77
CA LEU A 268 -10.12 -12.83 14.31
C LEU A 268 -9.52 -14.14 13.83
N PHE A 269 -8.45 -14.57 14.47
CA PHE A 269 -7.77 -15.81 14.10
C PHE A 269 -8.75 -16.98 14.14
N LYS A 270 -9.64 -16.96 15.14
CA LYS A 270 -10.63 -18.01 15.29
C LYS A 270 -11.64 -17.97 14.15
N LEU A 271 -12.28 -16.81 13.97
CA LEU A 271 -13.28 -16.64 12.92
C LEU A 271 -12.80 -17.08 11.53
N LEU A 272 -11.61 -16.66 11.14
CA LEU A 272 -11.08 -17.03 9.84
C LEU A 272 -10.96 -18.54 9.71
N LYS A 273 -10.46 -19.19 10.76
CA LYS A 273 -10.34 -20.64 10.76
C LYS A 273 -11.69 -21.27 10.46
N GLU A 274 -12.76 -20.65 10.97
CA GLU A 274 -14.11 -21.17 10.78
C GLU A 274 -14.73 -20.83 9.43
N GLY A 275 -14.14 -19.88 8.72
CA GLY A 275 -14.66 -19.51 7.41
C GLY A 275 -15.33 -18.16 7.35
N HIS A 276 -15.18 -17.36 8.41
CA HIS A 276 -15.79 -16.05 8.46
C HIS A 276 -15.29 -15.12 7.35
N ARG A 277 -16.18 -14.27 6.86
CA ARG A 277 -15.87 -13.30 5.81
C ARG A 277 -16.70 -12.05 6.11
N MET A 278 -16.13 -10.87 5.89
CA MET A 278 -16.84 -9.63 6.14
C MET A 278 -18.11 -9.48 5.32
N ASP A 279 -19.09 -8.76 5.88
CA ASP A 279 -20.36 -8.53 5.21
C ASP A 279 -20.23 -7.47 4.11
N LYS A 280 -21.21 -7.46 3.21
CA LYS A 280 -21.21 -6.52 2.11
C LYS A 280 -21.41 -5.06 2.52
N PRO A 281 -20.53 -4.16 2.05
CA PRO A 281 -20.64 -2.74 2.39
C PRO A 281 -22.00 -2.22 1.91
N ALA A 282 -22.50 -1.17 2.55
CA ALA A 282 -23.81 -0.60 2.22
C ALA A 282 -23.96 -0.11 0.78
N ASN A 283 -23.02 0.69 0.32
CA ASN A 283 -23.09 1.23 -1.05
C ASN A 283 -22.35 0.30 -2.00
N CYS A 284 -22.76 -0.96 -2.04
CA CYS A 284 -22.06 -1.90 -2.90
C CYS A 284 -22.98 -2.83 -3.69
N THR A 285 -22.69 -3.01 -4.98
CA THR A 285 -23.49 -3.91 -5.81
C THR A 285 -23.10 -5.34 -5.47
N ASN A 286 -23.96 -6.28 -5.81
CA ASN A 286 -23.66 -7.68 -5.55
C ASN A 286 -22.45 -8.09 -6.37
N GLU A 287 -22.34 -7.55 -7.57
CA GLU A 287 -21.22 -7.86 -8.45
C GLU A 287 -19.89 -7.51 -7.80
N LEU A 288 -19.80 -6.29 -7.25
CA LEU A 288 -18.56 -5.87 -6.61
C LEU A 288 -18.30 -6.63 -5.32
N TYR A 289 -19.37 -6.99 -4.61
CA TYR A 289 -19.18 -7.73 -3.38
C TYR A 289 -18.70 -9.14 -3.71
N MET A 290 -19.22 -9.71 -4.79
CA MET A 290 -18.79 -11.03 -5.20
C MET A 290 -17.33 -11.00 -5.62
N MET A 291 -16.88 -9.85 -6.13
CA MET A 291 -15.49 -9.71 -6.54
C MET A 291 -14.64 -9.71 -5.26
N MET A 292 -15.13 -9.05 -4.23
CA MET A 292 -14.43 -9.03 -2.95
C MET A 292 -14.36 -10.44 -2.42
N ARG A 293 -15.50 -11.14 -2.43
CA ARG A 293 -15.54 -12.50 -1.92
C ARG A 293 -14.61 -13.42 -2.71
N ASP A 294 -14.50 -13.20 -4.02
CA ASP A 294 -13.62 -14.02 -4.85
C ASP A 294 -12.19 -13.81 -4.37
N CYS A 295 -11.84 -12.57 -4.00
CA CYS A 295 -10.49 -12.29 -3.51
C CYS A 295 -10.22 -13.01 -2.21
N TRP A 296 -11.28 -13.36 -1.48
CA TRP A 296 -11.12 -14.08 -0.22
C TRP A 296 -11.46 -15.57 -0.35
N HIS A 297 -11.27 -16.14 -1.54
CA HIS A 297 -11.57 -17.55 -1.71
C HIS A 297 -10.60 -18.34 -0.82
N ALA A 298 -11.11 -19.38 -0.15
CA ALA A 298 -10.29 -20.20 0.73
C ALA A 298 -9.14 -20.86 -0.04
N VAL A 299 -9.35 -21.11 -1.32
CA VAL A 299 -8.33 -21.76 -2.15
C VAL A 299 -7.59 -20.66 -2.91
N PRO A 300 -6.31 -20.41 -2.57
CA PRO A 300 -5.53 -19.36 -3.23
C PRO A 300 -5.59 -19.34 -4.76
N SER A 301 -5.43 -20.51 -5.37
CA SER A 301 -5.44 -20.60 -6.83
C SER A 301 -6.80 -20.28 -7.46
N GLN A 302 -7.85 -20.22 -6.65
CA GLN A 302 -9.17 -19.93 -7.17
C GLN A 302 -9.47 -18.43 -7.12
N ARG A 303 -8.63 -17.67 -6.43
CA ARG A 303 -8.82 -16.23 -6.36
C ARG A 303 -8.48 -15.63 -7.73
N PRO A 304 -9.08 -14.49 -8.07
CA PRO A 304 -8.78 -13.88 -9.37
C PRO A 304 -7.33 -13.41 -9.38
N THR A 305 -6.76 -13.22 -10.56
CA THR A 305 -5.40 -12.69 -10.66
C THR A 305 -5.63 -11.19 -10.78
N PHE A 306 -4.59 -10.39 -10.56
CA PHE A 306 -4.79 -8.95 -10.69
C PHE A 306 -5.18 -8.58 -12.13
N LYS A 307 -4.68 -9.35 -13.09
CA LYS A 307 -5.02 -9.09 -14.49
C LYS A 307 -6.52 -9.26 -14.67
N GLN A 308 -7.09 -10.30 -14.07
CA GLN A 308 -8.52 -10.56 -14.19
C GLN A 308 -9.32 -9.45 -13.50
N LEU A 309 -8.87 -9.03 -12.33
CA LEU A 309 -9.54 -7.94 -11.61
C LEU A 309 -9.55 -6.67 -12.45
N VAL A 310 -8.41 -6.33 -13.07
CA VAL A 310 -8.34 -5.14 -13.91
C VAL A 310 -9.33 -5.22 -15.08
N GLU A 311 -9.41 -6.38 -15.71
CA GLU A 311 -10.33 -6.59 -16.83
C GLU A 311 -11.79 -6.44 -16.41
N ASP A 312 -12.14 -7.06 -15.29
CA ASP A 312 -13.50 -6.98 -14.79
C ASP A 312 -13.85 -5.58 -14.30
N LEU A 313 -12.91 -4.93 -13.63
CA LEU A 313 -13.15 -3.57 -13.13
C LEU A 313 -13.29 -2.61 -14.31
N ASP A 314 -12.50 -2.81 -15.35
CA ASP A 314 -12.55 -1.98 -16.54
C ASP A 314 -13.96 -2.11 -17.14
N ARG A 315 -14.45 -3.34 -17.23
CA ARG A 315 -15.78 -3.61 -17.78
C ARG A 315 -16.87 -2.90 -16.99
N ILE A 316 -16.77 -2.96 -15.66
CA ILE A 316 -17.75 -2.32 -14.79
C ILE A 316 -17.75 -0.80 -14.96
N LEU A 317 -16.56 -0.22 -15.03
CA LEU A 317 -16.43 1.23 -15.21
C LEU A 317 -17.06 1.67 -16.52
N THR A 318 -16.70 0.96 -17.58
CA THR A 318 -17.21 1.26 -18.92
C THR A 318 -18.74 1.29 -18.95
N LEU A 319 -19.36 0.35 -18.25
CA LEU A 319 -20.82 0.28 -18.20
C LEU A 319 -21.39 1.35 -17.29
N THR A 320 -20.64 1.73 -16.25
CA THR A 320 -21.06 2.76 -15.31
C THR A 320 -21.00 4.12 -16.00
N THR A 321 -20.03 4.27 -16.89
CA THR A 321 -19.82 5.51 -17.63
C THR A 321 -20.88 5.69 -18.70
N GLU B 4 -1.66 -1.34 16.63
CA GLU B 4 -2.76 -2.34 16.69
C GLU B 4 -2.95 -3.06 15.36
N GLU B 5 -2.55 -2.41 14.27
CA GLU B 5 -2.69 -3.01 12.96
C GLU B 5 -1.69 -4.15 12.74
N TYR B 6 -0.55 -4.08 13.41
CA TYR B 6 0.47 -5.12 13.26
C TYR B 6 0.60 -5.94 14.54
N LEU B 7 0.27 -7.22 14.44
CA LEU B 7 0.31 -8.14 15.58
C LEU B 7 1.12 -9.40 15.32
#